data_5WCA
#
_entry.id   5WCA
#
_cell.length_a   42.647
_cell.length_b   73.780
_cell.length_c   70.877
_cell.angle_alpha   90.00
_cell.angle_beta   93.03
_cell.angle_gamma   90.00
#
_symmetry.space_group_name_H-M   'P 1 21 1'
#
loop_
_entity.id
_entity.type
_entity.pdbx_description
1 polymer 'VRC315 27-1C08 Fab Heavy chain'
2 polymer 'VRC315 27-1C08 Fab Light chain'
3 water water
#
loop_
_entity_poly.entity_id
_entity_poly.type
_entity_poly.pdbx_seq_one_letter_code
_entity_poly.pdbx_strand_id
1 'polypeptide(L)'
;QVQLVQSGAEVKKPGASVKVSCKASGYTFTGNYVHWVRQAPGQGLEWMGWINPKSDGTNYAQKFQGRVTMTRDTSISTVY
MELSRLRSDDTAVYYCARDKGLRYFDWLSGGMDVWGQGTTVTVSSASTKGPSVFPLAPSSKSTSGGTAALGCLVKDYFPE
PVTVSWNSGALTSGVHTFPAVLQSSGLYSLSSVVTVPSSSLGTQTYICNVNHKPSNTKVDKKVEPK
;
H
2 'polypeptide(L)'
;QSALTQPASVSGSPGQSITISCTRTAAAVTSYNYVSWYQQHPGKAPKLLIYEVSNRPSGVSNRFSGSKSGNSASLTISGL
QPEDEADYYCCSSTSSTTVVFGGGTKVTVLGQPKANPTVTLFPPSSEELQANKATLVCLISDFYPGAVTVAWKADSSPVK
AGVETTTPSKQSNNKYAASSYLSLTPEQWKSHRSYSCQVTHEGSTVEKTVAPT
;
L
#
# COMPACT_ATOMS: atom_id res chain seq x y z
N GLN A 1 11.15 17.70 -14.31
CA GLN A 1 10.20 16.61 -13.96
C GLN A 1 9.10 17.12 -13.05
N VAL A 2 7.89 17.03 -13.59
CA VAL A 2 6.69 17.37 -12.82
C VAL A 2 6.58 16.42 -11.64
N GLN A 3 6.34 16.99 -10.46
CA GLN A 3 6.17 16.19 -9.26
C GLN A 3 5.19 16.90 -8.34
N LEU A 4 4.46 16.09 -7.57
CA LEU A 4 3.61 16.57 -6.48
C LEU A 4 4.06 15.89 -5.20
N VAL A 5 4.32 16.67 -4.16
CA VAL A 5 4.81 16.15 -2.89
C VAL A 5 3.84 16.58 -1.79
N GLN A 6 3.28 15.61 -1.08
CA GLN A 6 2.25 15.87 -0.09
C GLN A 6 2.82 15.90 1.31
N SER A 7 2.04 16.47 2.23
CA SER A 7 2.39 16.47 3.64
C SER A 7 2.23 15.07 4.24
N GLY A 8 2.71 14.91 5.48
CA GLY A 8 2.83 13.60 6.09
C GLY A 8 1.56 13.08 6.74
N ALA A 9 1.58 11.78 6.99
CA ALA A 9 0.44 11.09 7.58
C ALA A 9 0.16 11.59 8.99
N GLU A 10 -1.09 11.49 9.40
CA GLU A 10 -1.43 11.83 10.78
C GLU A 10 -2.73 11.16 11.19
N VAL A 11 -2.93 11.05 12.51
CA VAL A 11 -4.20 10.66 13.09
C VAL A 11 -4.92 11.93 13.52
N LYS A 12 -6.23 11.94 13.38
CA LYS A 12 -7.07 13.05 13.80
C LYS A 12 -8.27 12.47 14.54
N LYS A 13 -8.69 13.16 15.59
CA LYS A 13 -9.83 12.70 16.36
C LYS A 13 -11.11 12.86 15.54
N PRO A 14 -12.11 12.01 15.76
CA PRO A 14 -13.41 12.26 15.14
C PRO A 14 -13.91 13.64 15.53
N GLY A 15 -14.48 14.34 14.55
CA GLY A 15 -14.97 15.69 14.75
C GLY A 15 -13.96 16.77 14.47
N ALA A 16 -12.68 16.44 14.38
CA ALA A 16 -11.64 17.41 14.09
C ALA A 16 -11.60 17.67 12.59
N SER A 17 -10.66 18.50 12.18
CA SER A 17 -10.42 18.78 10.78
C SER A 17 -8.99 18.41 10.43
N VAL A 18 -8.76 18.11 9.16
CA VAL A 18 -7.44 17.81 8.65
C VAL A 18 -7.22 18.67 7.42
N LYS A 19 -6.01 19.20 7.28
CA LYS A 19 -5.64 19.98 6.11
C LYS A 19 -4.37 19.36 5.53
N VAL A 20 -4.49 18.84 4.33
CA VAL A 20 -3.40 18.17 3.64
C VAL A 20 -2.86 19.11 2.56
N SER A 21 -1.54 19.18 2.43
CA SER A 21 -0.91 20.02 1.43
C SER A 21 -0.31 19.19 0.30
N CYS A 22 -0.11 19.84 -0.83
CA CYS A 22 0.38 19.20 -2.05
C CYS A 22 1.18 20.26 -2.79
N LYS A 23 2.51 20.12 -2.76
CA LYS A 23 3.41 21.09 -3.36
C LYS A 23 3.81 20.61 -4.75
N ALA A 24 3.57 21.46 -5.73
CA ALA A 24 3.88 21.16 -7.12
C ALA A 24 5.24 21.73 -7.51
N SER A 25 5.99 20.95 -8.27
CA SER A 25 7.27 21.40 -8.78
C SER A 25 7.44 20.90 -10.20
N GLY A 26 8.35 21.55 -10.93
CA GLY A 26 8.69 21.15 -12.27
C GLY A 26 7.80 21.74 -13.34
N TYR A 27 6.82 22.55 -12.97
CA TYR A 27 5.95 23.19 -13.94
C TYR A 27 5.34 24.42 -13.29
N THR A 28 4.78 25.29 -14.12
CA THR A 28 4.12 26.49 -13.64
C THR A 28 2.73 26.09 -13.15
N PHE A 29 2.59 26.13 -11.84
CA PHE A 29 1.43 25.84 -11.01
C PHE A 29 0.08 26.13 -11.62
N THR A 30 -0.06 27.32 -12.18
CA THR A 30 -1.35 27.80 -12.66
C THR A 30 -1.79 27.16 -13.96
N GLY A 31 -0.94 26.36 -14.60
CA GLY A 31 -1.27 25.79 -15.88
C GLY A 31 -2.17 24.57 -15.88
N ASN A 32 -2.44 23.97 -14.71
CA ASN A 32 -3.15 22.70 -14.64
C ASN A 32 -4.06 22.67 -13.43
N TYR A 33 -5.23 22.07 -13.60
CA TYR A 33 -6.09 21.77 -12.46
C TYR A 33 -5.43 20.69 -11.61
N VAL A 34 -5.76 20.68 -10.32
CA VAL A 34 -5.32 19.62 -9.41
C VAL A 34 -6.55 19.05 -8.74
N HIS A 35 -6.66 17.72 -8.73
CA HIS A 35 -7.73 17.02 -8.05
C HIS A 35 -7.24 16.46 -6.72
N TRP A 36 -8.20 16.22 -5.83
CA TRP A 36 -7.98 15.37 -4.67
C TRP A 36 -8.85 14.13 -4.82
N VAL A 37 -8.23 12.98 -4.58
CA VAL A 37 -8.83 11.66 -4.75
C VAL A 37 -8.40 10.83 -3.55
N ARG A 38 -9.34 10.19 -2.86
CA ARG A 38 -8.99 9.42 -1.68
C ARG A 38 -9.31 7.95 -1.89
N GLN A 39 -8.73 7.13 -1.02
CA GLN A 39 -8.89 5.69 -1.11
C GLN A 39 -8.87 5.11 0.31
N ALA A 40 -10.02 4.67 0.78
CA ALA A 40 -10.10 4.02 2.07
C ALA A 40 -9.43 2.66 1.98
N PRO A 41 -8.97 2.13 3.13
CA PRO A 41 -8.23 0.85 3.12
C PRO A 41 -8.99 -0.27 2.41
N GLY A 42 -8.38 -0.84 1.39
CA GLY A 42 -8.98 -1.92 0.64
C GLY A 42 -10.11 -1.53 -0.29
N GLN A 43 -10.38 -0.23 -0.45
CA GLN A 43 -11.52 0.22 -1.24
C GLN A 43 -11.03 0.94 -2.50
N GLY A 44 -11.99 1.49 -3.24
CA GLY A 44 -11.69 2.12 -4.51
C GLY A 44 -11.40 3.62 -4.41
N LEU A 45 -11.04 4.18 -5.56
CA LEU A 45 -10.76 5.61 -5.63
C LEU A 45 -12.04 6.41 -5.56
N GLU A 46 -12.00 7.52 -4.83
CA GLU A 46 -13.15 8.39 -4.68
C GLU A 46 -12.73 9.83 -4.92
N TRP A 47 -13.29 10.44 -5.96
CA TRP A 47 -12.99 11.83 -6.28
C TRP A 47 -13.61 12.75 -5.23
N MET A 48 -12.82 13.70 -4.74
CA MET A 48 -13.31 14.69 -3.81
C MET A 48 -13.58 16.03 -4.43
N GLY A 49 -12.75 16.46 -5.37
CA GLY A 49 -12.89 17.78 -5.93
C GLY A 49 -11.64 18.17 -6.68
N TRP A 50 -11.72 19.34 -7.30
CA TRP A 50 -10.57 19.93 -7.97
C TRP A 50 -10.47 21.41 -7.65
N ILE A 51 -9.27 21.95 -7.84
CA ILE A 51 -9.01 23.38 -7.77
C ILE A 51 -8.22 23.78 -9.02
N ASN A 52 -8.57 24.93 -9.58
CA ASN A 52 -7.81 25.51 -10.68
C ASN A 52 -6.95 26.61 -10.10
N PRO A 53 -5.64 26.40 -9.92
CA PRO A 53 -4.82 27.44 -9.29
C PRO A 53 -4.76 28.76 -10.05
N LYS A 54 -5.05 28.77 -11.36
CA LYS A 54 -5.05 30.02 -12.10
C LYS A 54 -6.21 30.92 -11.69
N SER A 55 -7.39 30.34 -11.48
CA SER A 55 -8.61 31.10 -11.25
C SER A 55 -9.10 31.03 -9.81
N ASP A 56 -8.57 30.12 -9.00
CA ASP A 56 -9.07 29.85 -7.66
C ASP A 56 -10.42 29.13 -7.68
N GLY A 57 -10.96 28.80 -8.86
CA GLY A 57 -12.19 28.04 -8.92
C GLY A 57 -11.99 26.62 -8.40
N THR A 58 -13.09 26.04 -7.94
CA THR A 58 -13.12 24.69 -7.39
C THR A 58 -14.42 24.02 -7.77
N ASN A 59 -14.44 22.71 -7.64
CA ASN A 59 -15.67 21.94 -7.59
C ASN A 59 -15.46 20.79 -6.62
N TYR A 60 -16.53 20.37 -5.95
CA TYR A 60 -16.44 19.31 -4.95
C TYR A 60 -17.53 18.28 -5.19
N ALA A 61 -17.21 17.03 -4.87
CA ALA A 61 -18.21 15.97 -4.94
C ALA A 61 -19.37 16.27 -4.00
N GLN A 62 -20.56 15.89 -4.42
CA GLN A 62 -21.76 16.14 -3.63
C GLN A 62 -21.61 15.64 -2.20
N LYS A 63 -21.03 14.46 -2.03
CA LYS A 63 -20.85 13.85 -0.72
C LYS A 63 -20.12 14.77 0.26
N PHE A 64 -19.27 15.67 -0.25
CA PHE A 64 -18.42 16.47 0.62
C PHE A 64 -18.80 17.94 0.64
N GLN A 65 -19.78 18.34 -0.16
CA GLN A 65 -20.19 19.74 -0.21
C GLN A 65 -20.60 20.20 1.18
N GLY A 66 -20.04 21.34 1.60
CA GLY A 66 -20.29 21.87 2.92
C GLY A 66 -19.33 21.40 3.99
N ARG A 67 -18.44 20.48 3.67
CA ARG A 67 -17.52 19.92 4.63
C ARG A 67 -16.08 19.91 4.14
N VAL A 68 -15.84 20.27 2.88
CA VAL A 68 -14.49 20.31 2.33
C VAL A 68 -14.28 21.66 1.66
N THR A 69 -13.05 22.15 1.73
CA THR A 69 -12.63 23.25 0.88
C THR A 69 -11.24 22.93 0.35
N MET A 70 -10.97 23.47 -0.84
CA MET A 70 -9.67 23.37 -1.47
C MET A 70 -9.18 24.78 -1.76
N THR A 71 -7.91 25.03 -1.47
CA THR A 71 -7.31 26.34 -1.61
C THR A 71 -5.94 26.17 -2.25
N ARG A 72 -5.33 27.30 -2.62
CA ARG A 72 -4.00 27.27 -3.22
C ARG A 72 -3.23 28.52 -2.83
N ASP A 73 -1.91 28.36 -2.71
CA ASP A 73 -0.99 29.48 -2.46
C ASP A 73 0.01 29.48 -3.62
N THR A 74 -0.16 30.41 -4.56
CA THR A 74 0.67 30.40 -5.75
C THR A 74 2.13 30.72 -5.43
N SER A 75 2.38 31.55 -4.42
CA SER A 75 3.74 31.94 -4.09
C SER A 75 4.61 30.75 -3.70
N ILE A 76 4.01 29.65 -3.26
CA ILE A 76 4.73 28.44 -2.87
C ILE A 76 4.24 27.22 -3.64
N SER A 77 3.52 27.44 -4.74
CA SER A 77 3.07 26.37 -5.64
C SER A 77 2.40 25.21 -4.89
N THR A 78 1.52 25.54 -3.95
CA THR A 78 0.92 24.52 -3.09
C THR A 78 -0.60 24.60 -3.13
N VAL A 79 -1.24 23.43 -3.23
CA VAL A 79 -2.68 23.32 -3.05
C VAL A 79 -2.96 22.56 -1.76
N TYR A 80 -4.17 22.78 -1.23
CA TYR A 80 -4.58 22.20 0.04
C TYR A 80 -5.99 21.66 -0.07
N MET A 81 -6.27 20.64 0.73
CA MET A 81 -7.61 20.10 0.93
C MET A 81 -7.84 20.07 2.42
N GLU A 82 -8.89 20.75 2.88
CA GLU A 82 -9.26 20.72 4.30
C GLU A 82 -10.63 20.07 4.42
N LEU A 83 -10.68 18.98 5.18
CA LEU A 83 -11.90 18.23 5.42
C LEU A 83 -12.24 18.37 6.89
N SER A 84 -13.43 18.88 7.19
CA SER A 84 -13.85 19.17 8.55
C SER A 84 -14.78 18.10 9.09
N ARG A 85 -15.08 18.21 10.39
CA ARG A 85 -16.01 17.32 11.08
C ARG A 85 -15.75 15.86 10.70
N LEU A 86 -14.51 15.46 10.93
CA LEU A 86 -14.04 14.17 10.44
C LEU A 86 -14.85 13.00 11.01
N ARG A 87 -15.15 12.06 10.13
CA ARG A 87 -15.83 10.80 10.42
C ARG A 87 -14.82 9.67 10.44
N SER A 88 -15.13 8.61 11.19
CA SER A 88 -14.26 7.44 11.17
C SER A 88 -14.02 6.96 9.74
N ASP A 89 -15.07 6.99 8.91
CA ASP A 89 -14.95 6.49 7.54
C ASP A 89 -14.34 7.50 6.59
N ASP A 90 -13.82 8.62 7.10
CA ASP A 90 -12.88 9.46 6.36
C ASP A 90 -11.46 8.92 6.43
N THR A 91 -11.20 7.85 7.17
CA THR A 91 -9.90 7.21 7.17
C THR A 91 -9.55 6.72 5.77
N ALA A 92 -8.43 7.20 5.23
CA ALA A 92 -8.10 6.93 3.84
C ALA A 92 -6.72 7.48 3.54
N VAL A 93 -6.16 7.02 2.42
CA VAL A 93 -5.05 7.69 1.77
C VAL A 93 -5.63 8.77 0.88
N TYR A 94 -5.18 10.00 1.07
CA TYR A 94 -5.62 11.14 0.27
C TYR A 94 -4.51 11.47 -0.72
N TYR A 95 -4.87 11.49 -2.01
CA TYR A 95 -3.93 11.83 -3.07
C TYR A 95 -4.31 13.17 -3.67
N CYS A 96 -3.31 13.98 -4.00
CA CYS A 96 -3.51 15.00 -5.01
C CYS A 96 -3.01 14.46 -6.34
N ALA A 97 -3.64 14.92 -7.42
CA ALA A 97 -3.32 14.43 -8.74
C ALA A 97 -3.58 15.53 -9.76
N ARG A 98 -2.57 15.80 -10.58
CA ARG A 98 -2.69 16.85 -11.59
C ARG A 98 -3.53 16.38 -12.76
N ASP A 99 -4.41 17.27 -13.23
CA ASP A 99 -5.13 17.03 -14.47
C ASP A 99 -4.22 17.35 -15.64
N LYS A 100 -4.07 16.41 -16.56
CA LYS A 100 -3.20 16.64 -17.73
C LYS A 100 -3.76 17.73 -18.64
N GLY A 101 -5.06 18.02 -18.53
CA GLY A 101 -5.70 18.97 -19.41
C GLY A 101 -6.14 18.32 -20.71
N LEU A 102 -7.28 18.75 -21.24
CA LEU A 102 -7.70 18.29 -22.56
C LEU A 102 -6.69 18.74 -23.61
N ARG A 103 -6.52 17.90 -24.64
CA ARG A 103 -5.57 18.23 -25.70
C ARG A 103 -5.99 19.49 -26.46
N TYR A 104 -7.31 19.68 -26.64
CA TYR A 104 -7.82 20.67 -27.58
C TYR A 104 -8.61 21.78 -26.90
N PHE A 105 -8.65 21.80 -25.58
CA PHE A 105 -9.30 22.86 -24.81
C PHE A 105 -8.46 23.09 -23.56
N ASP A 106 -8.36 24.36 -23.13
CA ASP A 106 -7.66 24.70 -21.89
C ASP A 106 -8.61 24.48 -20.72
N TRP A 107 -8.82 23.21 -20.39
CA TRP A 107 -9.94 22.78 -19.57
C TRP A 107 -9.62 21.41 -18.98
N LEU A 108 -10.23 21.11 -17.83
CA LEU A 108 -9.96 19.85 -17.17
C LEU A 108 -10.54 18.68 -17.96
N SER A 109 -9.99 17.50 -17.72
CA SER A 109 -10.37 16.31 -18.46
C SER A 109 -10.76 15.16 -17.57
N GLY A 110 -10.36 15.16 -16.30
CA GLY A 110 -10.44 13.97 -15.48
C GLY A 110 -9.31 13.00 -15.70
N GLY A 111 -8.45 13.24 -16.70
CA GLY A 111 -7.25 12.46 -16.91
C GLY A 111 -6.14 13.02 -16.05
N MET A 112 -5.70 12.24 -15.07
CA MET A 112 -4.81 12.70 -14.01
C MET A 112 -3.45 12.04 -14.24
N ASP A 113 -2.48 12.83 -14.69
CA ASP A 113 -1.20 12.29 -15.15
C ASP A 113 -0.18 12.09 -14.02
N VAL A 114 0.01 13.09 -13.17
CA VAL A 114 1.02 13.03 -12.13
C VAL A 114 0.33 13.03 -10.78
N TRP A 115 0.65 12.03 -9.95
CA TRP A 115 0.02 11.82 -8.67
C TRP A 115 1.02 12.11 -7.55
N GLY A 116 0.54 12.74 -6.48
CA GLY A 116 1.34 12.80 -5.27
C GLY A 116 1.53 11.43 -4.68
N GLN A 117 2.34 11.35 -3.63
CA GLN A 117 2.63 10.07 -3.02
C GLN A 117 1.54 9.59 -2.06
N GLY A 118 0.55 10.42 -1.78
CA GLY A 118 -0.51 10.06 -0.85
C GLY A 118 -0.19 10.48 0.56
N THR A 119 -1.25 10.78 1.31
CA THR A 119 -1.17 11.08 2.74
C THR A 119 -2.18 10.19 3.46
N THR A 120 -1.68 9.33 4.36
CA THR A 120 -2.55 8.45 5.13
C THR A 120 -3.14 9.24 6.30
N VAL A 121 -4.45 9.43 6.29
CA VAL A 121 -5.16 10.09 7.37
C VAL A 121 -6.01 9.05 8.09
N THR A 122 -5.74 8.84 9.38
CA THR A 122 -6.51 7.93 10.21
C THR A 122 -7.38 8.77 11.15
N VAL A 123 -8.67 8.51 11.14
CA VAL A 123 -9.61 9.20 12.02
C VAL A 123 -9.92 8.24 13.17
N SER A 124 -9.42 8.57 14.35
CA SER A 124 -9.50 7.67 15.50
C SER A 124 -9.29 8.51 16.74
N SER A 125 -9.96 8.11 17.83
CA SER A 125 -9.66 8.70 19.13
C SER A 125 -8.35 8.19 19.72
N ALA A 126 -7.80 7.10 19.19
CA ALA A 126 -6.61 6.52 19.78
C ALA A 126 -5.41 7.41 19.53
N SER A 127 -4.51 7.46 20.51
CA SER A 127 -3.37 8.36 20.45
C SER A 127 -2.21 7.79 19.65
N THR A 128 -1.41 8.70 19.12
CA THR A 128 -0.21 8.31 18.39
CA THR A 128 -0.22 8.29 18.38
C THR A 128 0.77 7.62 19.32
N LYS A 129 1.42 6.58 18.83
CA LYS A 129 2.44 5.86 19.57
C LYS A 129 3.55 5.46 18.60
N GLY A 130 4.76 5.93 18.85
CA GLY A 130 5.88 5.57 18.01
C GLY A 130 6.34 4.15 18.24
N PRO A 131 6.98 3.53 17.25
CA PRO A 131 7.40 2.13 17.39
C PRO A 131 8.68 1.98 18.21
N SER A 132 8.85 0.79 18.74
CA SER A 132 10.14 0.29 19.19
C SER A 132 10.70 -0.55 18.06
N VAL A 133 11.99 -0.42 17.81
CA VAL A 133 12.64 -1.10 16.70
C VAL A 133 13.70 -2.04 17.26
N PHE A 134 13.64 -3.30 16.82
CA PHE A 134 14.57 -4.30 17.27
C PHE A 134 15.22 -4.96 16.06
N PRO A 135 16.49 -5.31 16.15
CA PRO A 135 17.15 -5.99 15.03
C PRO A 135 16.77 -7.46 14.98
N LEU A 136 16.67 -7.98 13.77
CA LEU A 136 16.46 -9.40 13.51
C LEU A 136 17.74 -9.91 12.84
N ALA A 137 18.63 -10.47 13.65
CA ALA A 137 19.98 -10.74 13.20
C ALA A 137 20.02 -11.89 12.18
N PRO A 138 20.93 -11.85 11.22
CA PRO A 138 21.15 -13.01 10.37
C PRO A 138 21.75 -14.14 11.20
N SER A 139 21.51 -15.36 10.75
CA SER A 139 22.11 -16.52 11.41
C SER A 139 22.14 -17.65 10.40
N SER A 140 22.84 -18.72 10.76
CA SER A 140 22.81 -19.92 9.94
C SER A 140 21.38 -20.41 9.74
N LYS A 141 20.48 -20.09 10.67
CA LYS A 141 19.10 -20.53 10.56
C LYS A 141 18.30 -19.68 9.57
N SER A 142 18.72 -18.43 9.36
CA SER A 142 18.12 -17.58 8.34
C SER A 142 18.89 -17.60 7.03
N THR A 143 19.80 -18.57 6.86
CA THR A 143 20.66 -18.66 5.68
C THR A 143 20.34 -19.92 4.89
N SER A 144 20.25 -19.77 3.57
CA SER A 144 19.96 -20.87 2.67
C SER A 144 20.32 -20.46 1.24
N GLY A 145 20.90 -21.39 0.49
CA GLY A 145 21.22 -21.13 -0.91
C GLY A 145 22.17 -19.96 -1.12
N GLY A 146 23.08 -19.73 -0.19
CA GLY A 146 24.06 -18.67 -0.32
C GLY A 146 23.60 -17.30 0.11
N THR A 147 22.37 -17.16 0.58
CA THR A 147 21.86 -15.88 1.05
C THR A 147 21.46 -15.97 2.51
N ALA A 148 21.48 -14.83 3.19
CA ALA A 148 21.10 -14.72 4.58
C ALA A 148 19.99 -13.67 4.69
N ALA A 149 19.03 -13.93 5.57
CA ALA A 149 17.93 -13.00 5.82
C ALA A 149 18.17 -12.29 7.14
N LEU A 150 18.07 -10.98 7.12
CA LEU A 150 18.20 -10.17 8.33
C LEU A 150 17.15 -9.07 8.25
N GLY A 151 16.81 -8.48 9.38
CA GLY A 151 15.75 -7.50 9.30
C GLY A 151 15.61 -6.64 10.53
N CYS A 152 14.48 -5.93 10.57
CA CYS A 152 14.10 -5.12 11.71
C CYS A 152 12.64 -5.35 12.03
N LEU A 153 12.37 -5.51 13.31
CA LEU A 153 11.02 -5.63 13.86
C LEU A 153 10.59 -4.24 14.34
N VAL A 154 9.48 -3.76 13.82
CA VAL A 154 8.94 -2.44 14.15
C VAL A 154 7.67 -2.68 14.96
N LYS A 155 7.76 -2.48 16.26
CA LYS A 155 6.78 -3.01 17.20
C LYS A 155 5.88 -1.94 17.81
N ASP A 156 4.58 -2.23 17.88
CA ASP A 156 3.63 -1.55 18.75
C ASP A 156 3.50 -0.04 18.46
N TYR A 157 3.10 0.28 17.24
CA TYR A 157 2.91 1.67 16.85
C TYR A 157 1.47 1.93 16.39
N PHE A 158 1.11 3.20 16.38
CA PHE A 158 -0.18 3.64 15.89
C PHE A 158 -0.10 5.11 15.52
N PRO A 159 -0.74 5.53 14.41
CA PRO A 159 -1.44 4.77 13.38
C PRO A 159 -0.44 4.32 12.31
N GLU A 160 -0.95 3.64 11.28
CA GLU A 160 -0.18 3.48 10.06
C GLU A 160 0.10 4.86 9.48
N PRO A 161 1.13 5.00 8.63
CA PRO A 161 2.08 3.99 8.16
C PRO A 161 3.44 4.15 8.78
N VAL A 162 4.27 3.13 8.58
CA VAL A 162 5.70 3.19 8.83
C VAL A 162 6.39 2.91 7.50
N THR A 163 7.50 3.60 7.25
CA THR A 163 8.38 3.25 6.15
C THR A 163 9.67 2.68 6.72
N VAL A 164 10.27 1.76 5.96
CA VAL A 164 11.58 1.22 6.30
C VAL A 164 12.44 1.26 5.05
N SER A 165 13.59 1.89 5.16
CA SER A 165 14.61 1.78 4.13
C SER A 165 15.82 1.08 4.73
N TRP A 166 16.75 0.72 3.87
CA TRP A 166 17.96 0.02 4.27
C TRP A 166 19.15 0.79 3.73
N ASN A 167 20.13 1.04 4.60
CA ASN A 167 21.31 1.79 4.23
C ASN A 167 20.93 3.09 3.51
N SER A 168 19.97 3.79 4.11
CA SER A 168 19.55 5.11 3.65
C SER A 168 19.01 5.09 2.23
N GLY A 169 18.43 3.97 1.83
CA GLY A 169 17.81 3.84 0.53
C GLY A 169 18.71 3.32 -0.56
N ALA A 170 19.99 3.10 -0.27
CA ALA A 170 20.91 2.62 -1.28
C ALA A 170 20.64 1.16 -1.61
N LEU A 171 20.10 0.41 -0.65
CA LEU A 171 19.87 -1.03 -0.78
C LEU A 171 18.38 -1.27 -0.97
N THR A 172 18.01 -1.78 -2.15
CA THR A 172 16.62 -2.10 -2.46
C THR A 172 16.48 -3.54 -2.95
N SER A 173 17.54 -4.09 -3.55
CA SER A 173 17.50 -5.48 -3.98
C SER A 173 17.28 -6.37 -2.77
N GLY A 174 16.31 -7.28 -2.88
CA GLY A 174 16.08 -8.24 -1.82
C GLY A 174 15.47 -7.69 -0.56
N VAL A 175 14.97 -6.45 -0.58
CA VAL A 175 14.25 -5.90 0.56
C VAL A 175 12.79 -6.30 0.44
N HIS A 176 12.24 -6.83 1.52
CA HIS A 176 10.81 -7.16 1.59
C HIS A 176 10.29 -6.60 2.90
N THR A 177 9.54 -5.52 2.83
CA THR A 177 8.85 -5.00 4.01
C THR A 177 7.45 -5.57 4.01
N PHE A 178 7.12 -6.26 5.07
CA PHE A 178 5.88 -7.01 5.13
C PHE A 178 4.77 -6.11 5.65
N PRO A 179 3.55 -6.27 5.13
CA PRO A 179 2.43 -5.51 5.67
C PRO A 179 2.27 -5.76 7.17
N ALA A 180 1.84 -4.72 7.87
CA ALA A 180 1.72 -4.78 9.32
C ALA A 180 0.58 -5.69 9.76
N VAL A 181 0.74 -6.26 10.93
CA VAL A 181 -0.36 -6.89 11.64
C VAL A 181 -1.00 -5.85 12.55
N LEU A 182 -2.33 -5.86 12.58
CA LEU A 182 -3.11 -5.06 13.53
C LEU A 182 -3.46 -6.01 14.67
N GLN A 183 -2.74 -5.86 15.76
CA GLN A 183 -2.85 -6.77 16.88
C GLN A 183 -4.16 -6.54 17.64
N SER A 184 -4.54 -7.53 18.45
CA SER A 184 -5.72 -7.40 19.28
CA SER A 184 -5.71 -7.41 19.30
C SER A 184 -5.66 -6.16 20.16
N SER A 185 -4.45 -5.71 20.53
CA SER A 185 -4.27 -4.53 21.36
C SER A 185 -4.63 -3.24 20.64
N GLY A 186 -4.82 -3.28 19.33
CA GLY A 186 -5.07 -2.08 18.56
C GLY A 186 -3.83 -1.39 18.07
N LEU A 187 -2.64 -1.90 18.38
CA LEU A 187 -1.38 -1.40 17.85
C LEU A 187 -0.90 -2.27 16.70
N TYR A 188 -0.14 -1.67 15.80
CA TYR A 188 0.42 -2.36 14.66
C TYR A 188 1.84 -2.80 14.97
N SER A 189 2.28 -3.87 14.30
CA SER A 189 3.69 -4.20 14.18
C SER A 189 3.96 -4.66 12.76
N LEU A 190 5.19 -4.43 12.30
CA LEU A 190 5.60 -4.97 11.02
C LEU A 190 7.07 -5.37 11.10
N SER A 191 7.53 -6.08 10.07
CA SER A 191 8.92 -6.44 9.91
C SER A 191 9.38 -6.12 8.50
N SER A 192 10.65 -5.76 8.38
CA SER A 192 11.30 -5.60 7.09
C SER A 192 12.54 -6.48 7.08
N VAL A 193 12.69 -7.26 6.02
CA VAL A 193 13.77 -8.23 5.89
C VAL A 193 14.50 -7.93 4.59
N VAL A 194 15.83 -7.94 4.66
CA VAL A 194 16.67 -7.88 3.47
C VAL A 194 17.41 -9.20 3.35
N THR A 195 17.36 -9.79 2.17
CA THR A 195 18.04 -11.04 1.88
C THR A 195 19.28 -10.71 1.05
N VAL A 196 20.44 -11.09 1.58
CA VAL A 196 21.72 -10.65 1.02
C VAL A 196 22.63 -11.86 0.86
N PRO A 197 23.69 -11.74 0.06
CA PRO A 197 24.68 -12.82 0.00
C PRO A 197 25.31 -13.05 1.37
N SER A 198 25.36 -14.32 1.78
CA SER A 198 25.99 -14.66 3.06
C SER A 198 27.46 -14.26 3.08
N SER A 199 28.14 -14.32 1.94
CA SER A 199 29.54 -13.94 1.88
C SER A 199 29.77 -12.46 2.12
N SER A 200 28.70 -11.65 2.06
CA SER A 200 28.80 -10.21 2.27
C SER A 200 28.81 -9.82 3.74
N LEU A 201 28.48 -10.74 4.64
CA LEU A 201 28.17 -10.33 6.01
C LEU A 201 29.37 -9.81 6.77
N GLY A 202 30.58 -10.21 6.38
CA GLY A 202 31.78 -9.77 7.06
C GLY A 202 32.29 -8.41 6.66
N THR A 203 31.79 -7.83 5.56
CA THR A 203 32.30 -6.57 5.05
C THR A 203 31.24 -5.52 4.78
N GLN A 204 29.96 -5.88 4.78
CA GLN A 204 28.88 -4.95 4.49
C GLN A 204 28.05 -4.73 5.75
N THR A 205 27.83 -3.48 6.11
CA THR A 205 26.97 -3.13 7.23
C THR A 205 25.55 -2.94 6.74
N TYR A 206 24.58 -3.24 7.61
CA TYR A 206 23.17 -3.15 7.29
C TYR A 206 22.47 -2.36 8.38
N ILE A 207 21.82 -1.26 8.00
CA ILE A 207 21.12 -0.38 8.92
C ILE A 207 19.72 -0.19 8.38
N CYS A 208 18.72 -0.40 9.23
CA CYS A 208 17.34 -0.13 8.84
C CYS A 208 16.96 1.26 9.33
N ASN A 209 16.32 2.02 8.45
CA ASN A 209 15.93 3.40 8.73
C ASN A 209 14.41 3.39 8.80
N VAL A 210 13.87 3.53 10.01
CA VAL A 210 12.44 3.41 10.26
C VAL A 210 11.87 4.81 10.47
N ASN A 211 10.80 5.14 9.75
CA ASN A 211 10.15 6.44 9.90
C ASN A 211 8.69 6.23 10.24
N HIS A 212 8.24 6.84 11.33
CA HIS A 212 6.84 6.86 11.70
C HIS A 212 6.44 8.33 11.76
N LYS A 213 6.03 8.86 10.61
CA LYS A 213 5.72 10.29 10.53
CA LYS A 213 5.72 10.29 10.53
C LYS A 213 4.62 10.72 11.49
N PRO A 214 3.58 9.92 11.76
CA PRO A 214 2.54 10.40 12.68
C PRO A 214 3.06 10.80 14.04
N SER A 215 4.15 10.18 14.50
CA SER A 215 4.81 10.58 15.74
C SER A 215 6.10 11.39 15.50
N ASN A 216 6.38 11.76 14.25
CA ASN A 216 7.55 12.57 13.90
C ASN A 216 8.85 11.97 14.42
N THR A 217 8.93 10.64 14.39
CA THR A 217 10.05 9.90 14.95
C THR A 217 10.65 8.96 13.92
N LYS A 218 11.96 9.03 13.80
CA LYS A 218 12.76 8.15 12.96
C LYS A 218 13.78 7.47 13.86
N VAL A 219 14.02 6.19 13.59
CA VAL A 219 14.97 5.39 14.33
C VAL A 219 15.82 4.61 13.32
N ASP A 220 17.14 4.71 13.44
CA ASP A 220 18.06 3.88 12.68
C ASP A 220 18.64 2.81 13.59
N LYS A 221 18.62 1.56 13.12
CA LYS A 221 19.09 0.42 13.89
C LYS A 221 20.10 -0.38 13.07
N LYS A 222 21.28 -0.63 13.65
CA LYS A 222 22.25 -1.53 13.05
C LYS A 222 21.82 -2.97 13.27
N VAL A 223 21.95 -3.79 12.23
CA VAL A 223 21.58 -5.20 12.29
C VAL A 223 22.85 -6.00 12.01
N GLU A 224 23.35 -6.68 13.04
CA GLU A 224 24.59 -7.44 12.94
C GLU A 224 24.36 -8.84 13.49
N PRO A 225 25.25 -9.78 13.16
CA PRO A 225 25.17 -11.10 13.78
C PRO A 225 25.45 -11.02 15.27
N LYS A 226 24.85 -11.94 16.01
CA LYS A 226 24.98 -11.96 17.47
C LYS A 226 25.84 -13.13 17.90
N ALA B 3 -22.48 7.64 -10.68
CA ALA B 3 -22.07 6.31 -10.27
C ALA B 3 -21.76 5.43 -11.48
N LEU B 4 -20.51 4.97 -11.56
CA LEU B 4 -20.05 4.13 -12.65
C LEU B 4 -19.71 2.75 -12.12
N THR B 5 -20.29 1.72 -12.74
CA THR B 5 -20.17 0.34 -12.29
C THR B 5 -19.11 -0.38 -13.11
N GLN B 6 -18.19 -1.06 -12.40
CA GLN B 6 -17.23 -1.97 -12.99
C GLN B 6 -17.38 -3.35 -12.37
N PRO B 7 -17.10 -4.41 -13.11
CA PRO B 7 -17.04 -5.74 -12.48
C PRO B 7 -15.93 -5.79 -11.44
N ALA B 8 -16.18 -6.51 -10.35
CA ALA B 8 -15.18 -6.60 -9.30
C ALA B 8 -13.92 -7.31 -9.76
N SER B 9 -14.06 -8.30 -10.62
CA SER B 9 -12.94 -9.16 -11.01
C SER B 9 -13.08 -9.52 -12.49
N VAL B 10 -11.95 -9.58 -13.19
CA VAL B 10 -11.88 -10.14 -14.54
C VAL B 10 -10.61 -10.96 -14.62
N SER B 11 -10.64 -12.05 -15.38
CA SER B 11 -9.49 -12.94 -15.47
C SER B 11 -9.29 -13.41 -16.91
N GLY B 12 -8.03 -13.75 -17.23
CA GLY B 12 -7.68 -14.29 -18.52
C GLY B 12 -6.37 -15.04 -18.41
N SER B 13 -6.08 -15.85 -19.45
CA SER B 13 -4.83 -16.60 -19.49
C SER B 13 -3.76 -15.79 -20.18
N PRO B 14 -2.48 -16.11 -19.94
CA PRO B 14 -1.40 -15.35 -20.58
C PRO B 14 -1.57 -15.31 -22.10
N GLY B 15 -1.31 -14.13 -22.68
CA GLY B 15 -1.42 -13.94 -24.10
C GLY B 15 -2.81 -13.62 -24.62
N GLN B 16 -3.84 -13.73 -23.79
CA GLN B 16 -5.22 -13.48 -24.21
C GLN B 16 -5.55 -12.00 -24.05
N SER B 17 -6.71 -11.62 -24.56
CA SER B 17 -7.30 -10.31 -24.36
C SER B 17 -8.45 -10.42 -23.39
N ILE B 18 -8.59 -9.40 -22.54
CA ILE B 18 -9.72 -9.27 -21.64
C ILE B 18 -10.24 -7.84 -21.72
N THR B 19 -11.50 -7.66 -21.31
CA THR B 19 -12.18 -6.36 -21.37
C THR B 19 -12.79 -6.03 -20.01
N ILE B 20 -12.62 -4.77 -19.61
CA ILE B 20 -13.17 -4.25 -18.37
C ILE B 20 -14.17 -3.15 -18.71
N SER B 21 -15.40 -3.28 -18.20
CA SER B 21 -16.46 -2.35 -18.48
C SER B 21 -16.58 -1.27 -17.41
N CYS B 22 -17.22 -0.17 -17.80
CA CYS B 22 -17.40 1.01 -16.96
C CYS B 22 -18.73 1.62 -17.38
N THR B 23 -19.78 1.41 -16.59
CA THR B 23 -21.14 1.67 -17.04
C THR B 23 -21.91 2.55 -16.07
N ARG B 24 -22.65 3.51 -16.61
CA ARG B 24 -23.51 4.35 -15.79
C ARG B 24 -24.73 3.56 -15.34
N THR B 25 -25.09 3.72 -14.07
CA THR B 25 -26.12 2.90 -13.45
C THR B 25 -27.53 3.19 -13.98
N ALA B 26 -27.73 4.30 -14.69
CA ALA B 26 -29.00 4.65 -15.33
C ALA B 26 -30.08 5.10 -14.36
N ALA B 27 -29.85 5.00 -13.05
CA ALA B 27 -30.76 5.57 -12.05
C ALA B 27 -30.21 6.93 -11.63
N ALA B 28 -30.24 7.86 -12.58
CA ALA B 28 -29.38 9.03 -12.51
C ALA B 28 -29.71 10.04 -13.60
N VAL B 29 -28.77 10.24 -14.54
CA VAL B 29 -28.84 11.20 -15.65
C VAL B 29 -27.73 12.22 -15.46
N THR B 30 -26.57 11.96 -16.04
CA THR B 30 -25.45 12.88 -16.00
C THR B 30 -24.66 12.71 -17.30
N SER B 31 -24.34 13.84 -17.93
CA SER B 31 -23.67 13.82 -19.23
C SER B 31 -22.19 13.51 -19.01
N TYR B 32 -21.82 12.25 -19.17
CA TYR B 32 -20.42 11.84 -19.08
C TYR B 32 -19.71 12.11 -20.39
N ASN B 33 -18.49 12.64 -20.29
CA ASN B 33 -17.77 13.12 -21.47
C ASN B 33 -16.48 12.35 -21.71
N TYR B 34 -15.41 12.73 -21.03
CA TYR B 34 -14.08 12.20 -21.29
C TYR B 34 -13.75 11.10 -20.30
N VAL B 35 -13.42 9.93 -20.82
CA VAL B 35 -13.13 8.76 -20.00
C VAL B 35 -11.63 8.57 -19.93
N SER B 36 -11.14 8.29 -18.72
CA SER B 36 -9.76 7.89 -18.51
C SER B 36 -9.73 6.59 -17.72
N TRP B 37 -8.63 5.88 -17.84
CA TRP B 37 -8.41 4.61 -17.17
C TRP B 37 -7.09 4.63 -16.42
N TYR B 38 -7.07 3.96 -15.27
CA TYR B 38 -5.95 3.92 -14.36
C TYR B 38 -5.66 2.48 -13.99
N GLN B 39 -4.38 2.21 -13.80
CA GLN B 39 -3.89 0.94 -13.28
C GLN B 39 -3.27 1.21 -11.92
N GLN B 40 -3.55 0.37 -10.93
CA GLN B 40 -2.98 0.54 -9.61
C GLN B 40 -2.44 -0.79 -9.10
N HIS B 41 -1.15 -0.86 -8.91
CA HIS B 41 -0.53 -2.03 -8.34
C HIS B 41 -0.51 -1.89 -6.83
N PRO B 42 -0.41 -3.01 -6.10
CA PRO B 42 -0.44 -2.94 -4.64
C PRO B 42 0.59 -1.98 -4.09
N GLY B 43 0.14 -1.10 -3.19
CA GLY B 43 1.04 -0.19 -2.51
C GLY B 43 1.53 0.98 -3.35
N LYS B 44 0.97 1.20 -4.53
CA LYS B 44 1.43 2.26 -5.40
C LYS B 44 0.29 3.22 -5.74
N ALA B 45 0.66 4.41 -6.20
CA ALA B 45 -0.34 5.36 -6.65
C ALA B 45 -0.91 4.90 -7.99
N PRO B 46 -2.12 5.32 -8.33
CA PRO B 46 -2.67 4.98 -9.64
C PRO B 46 -1.84 5.57 -10.75
N LYS B 47 -1.84 4.88 -11.90
CA LYS B 47 -1.11 5.27 -13.11
C LYS B 47 -2.10 5.45 -14.26
N LEU B 48 -2.05 6.60 -14.91
CA LEU B 48 -2.92 6.87 -16.07
C LEU B 48 -2.51 5.99 -17.25
N LEU B 49 -3.45 5.18 -17.76
CA LEU B 49 -3.21 4.35 -18.93
C LEU B 49 -3.88 4.88 -20.19
N ILE B 50 -5.05 5.49 -20.06
CA ILE B 50 -5.86 5.96 -21.19
C ILE B 50 -6.45 7.30 -20.80
N TYR B 51 -6.43 8.25 -21.73
CA TYR B 51 -7.10 9.53 -21.56
C TYR B 51 -7.91 9.84 -22.81
N GLU B 52 -8.92 10.69 -22.64
CA GLU B 52 -9.83 11.05 -23.74
C GLU B 52 -10.27 9.80 -24.50
N VAL B 53 -10.78 8.83 -23.74
CA VAL B 53 -11.42 7.62 -24.23
C VAL B 53 -10.44 6.56 -24.72
N SER B 54 -9.50 6.94 -25.59
CA SER B 54 -8.76 5.96 -26.38
C SER B 54 -7.27 6.25 -26.53
N ASN B 55 -6.73 7.27 -25.87
CA ASN B 55 -5.36 7.70 -26.12
C ASN B 55 -4.43 7.26 -25.00
N ARG B 56 -3.21 6.88 -25.39
CA ARG B 56 -2.23 6.37 -24.44
C ARG B 56 -1.16 7.41 -24.14
N PRO B 57 -0.85 7.67 -22.86
CA PRO B 57 0.32 8.48 -22.54
C PRO B 57 1.58 7.83 -23.09
N SER B 58 2.60 8.65 -23.29
CA SER B 58 3.88 8.12 -23.73
C SER B 58 4.33 7.02 -22.78
N GLY B 59 4.86 5.94 -23.36
CA GLY B 59 5.39 4.86 -22.57
C GLY B 59 4.39 3.83 -22.12
N VAL B 60 3.10 4.02 -22.38
CA VAL B 60 2.08 3.04 -22.02
C VAL B 60 1.97 2.03 -23.16
N SER B 61 1.98 0.74 -22.80
CA SER B 61 1.95 -0.33 -23.79
C SER B 61 0.74 -0.23 -24.70
N ASN B 62 0.95 -0.49 -26.00
CA ASN B 62 -0.14 -0.53 -26.96
C ASN B 62 -1.07 -1.72 -26.74
N ARG B 63 -0.77 -2.58 -25.77
CA ARG B 63 -1.69 -3.64 -25.39
C ARG B 63 -2.95 -3.10 -24.72
N PHE B 64 -2.94 -1.85 -24.29
CA PHE B 64 -4.10 -1.21 -23.66
C PHE B 64 -4.83 -0.36 -24.69
N SER B 65 -6.13 -0.59 -24.83
CA SER B 65 -6.96 0.22 -25.72
C SER B 65 -8.27 0.57 -25.03
N GLY B 66 -8.80 1.75 -25.34
CA GLY B 66 -10.01 2.25 -24.71
C GLY B 66 -11.09 2.57 -25.73
N SER B 67 -12.35 2.32 -25.35
CA SER B 67 -13.50 2.55 -26.22
C SER B 67 -14.65 3.12 -25.39
N LYS B 68 -15.65 3.67 -26.07
CA LYS B 68 -16.85 4.17 -25.41
C LYS B 68 -18.03 4.05 -26.37
N SER B 69 -19.18 3.66 -25.83
CA SER B 69 -20.43 3.63 -26.59
C SER B 69 -21.56 4.04 -25.65
N GLY B 70 -22.06 5.25 -25.84
CA GLY B 70 -23.20 5.70 -25.05
C GLY B 70 -22.85 5.77 -23.57
N ASN B 71 -23.61 5.05 -22.76
CA ASN B 71 -23.47 5.09 -21.32
C ASN B 71 -22.52 4.04 -20.77
N SER B 72 -21.66 3.45 -21.62
CA SER B 72 -20.63 2.55 -21.14
C SER B 72 -19.32 2.79 -21.88
N ALA B 73 -18.22 2.55 -21.18
CA ALA B 73 -16.89 2.60 -21.76
C ALA B 73 -16.16 1.32 -21.37
N SER B 74 -15.08 1.01 -22.09
CA SER B 74 -14.38 -0.23 -21.81
C SER B 74 -12.89 -0.08 -22.09
N LEU B 75 -12.11 -0.92 -21.41
CA LEU B 75 -10.68 -1.04 -21.57
C LEU B 75 -10.40 -2.48 -21.97
N THR B 76 -9.72 -2.68 -23.10
CA THR B 76 -9.27 -4.01 -23.49
C THR B 76 -7.76 -4.12 -23.32
N ILE B 77 -7.32 -5.18 -22.63
CA ILE B 77 -5.91 -5.50 -22.45
C ILE B 77 -5.61 -6.72 -23.31
N SER B 78 -4.74 -6.56 -24.31
CA SER B 78 -4.38 -7.68 -25.16
C SER B 78 -3.04 -8.27 -24.71
N GLY B 79 -2.75 -9.48 -25.17
CA GLY B 79 -1.50 -10.14 -24.87
C GLY B 79 -1.19 -10.16 -23.38
N LEU B 80 -2.18 -10.57 -22.59
CA LEU B 80 -2.12 -10.46 -21.14
C LEU B 80 -0.80 -11.00 -20.58
N GLN B 81 -0.17 -10.21 -19.73
CA GLN B 81 1.10 -10.52 -19.11
C GLN B 81 0.96 -10.57 -17.60
N PRO B 82 1.87 -11.26 -16.91
CA PRO B 82 1.77 -11.31 -15.43
C PRO B 82 1.74 -9.95 -14.77
N GLU B 83 2.52 -8.99 -15.28
CA GLU B 83 2.56 -7.67 -14.67
C GLU B 83 1.24 -6.92 -14.80
N ASP B 84 0.30 -7.43 -15.60
CA ASP B 84 -1.00 -6.78 -15.71
C ASP B 84 -1.89 -7.07 -14.51
N GLU B 85 -1.52 -8.01 -13.65
CA GLU B 85 -2.29 -8.20 -12.43
C GLU B 85 -2.22 -6.94 -11.60
N ALA B 86 -3.37 -6.31 -11.37
CA ALA B 86 -3.49 -5.02 -10.74
C ALA B 86 -4.97 -4.66 -10.64
N ASP B 87 -5.29 -3.54 -10.00
CA ASP B 87 -6.64 -2.99 -10.03
C ASP B 87 -6.73 -1.92 -11.12
N TYR B 88 -7.85 -1.87 -11.80
CA TYR B 88 -8.08 -0.92 -12.87
C TYR B 88 -9.32 -0.09 -12.56
N TYR B 89 -9.23 1.21 -12.76
CA TYR B 89 -10.33 2.13 -12.51
C TYR B 89 -10.62 2.94 -13.76
N CYS B 90 -11.89 3.06 -14.09
CA CYS B 90 -12.29 4.08 -15.05
C CYS B 90 -12.69 5.34 -14.30
N CYS B 91 -12.72 6.42 -15.07
CA CYS B 91 -13.03 7.72 -14.53
C CYS B 91 -13.65 8.52 -15.66
N SER B 92 -14.70 9.28 -15.36
CA SER B 92 -15.28 10.15 -16.38
C SER B 92 -15.53 11.53 -15.79
N SER B 93 -15.19 12.55 -16.58
CA SER B 93 -15.65 13.88 -16.30
C SER B 93 -17.10 14.01 -16.77
N THR B 94 -17.74 15.09 -16.36
CA THR B 94 -19.14 15.34 -16.71
C THR B 94 -19.27 16.76 -17.24
N SER B 95 -20.40 17.04 -17.88
CA SER B 95 -20.68 18.39 -18.33
C SER B 95 -20.75 19.37 -17.18
N SER B 96 -20.98 18.89 -15.95
CA SER B 96 -21.01 19.73 -14.77
C SER B 96 -19.62 19.95 -14.17
N THR B 97 -18.57 19.45 -14.82
CA THR B 97 -17.20 19.57 -14.33
C THR B 97 -16.99 18.82 -13.03
N THR B 98 -17.74 17.76 -12.81
CA THR B 98 -17.40 16.79 -11.78
C THR B 98 -16.68 15.62 -12.41
N VAL B 99 -16.09 14.79 -11.56
CA VAL B 99 -15.41 13.59 -11.98
C VAL B 99 -15.98 12.45 -11.15
N VAL B 100 -16.11 11.28 -11.78
CA VAL B 100 -16.64 10.10 -11.10
C VAL B 100 -15.77 8.91 -11.48
N PHE B 101 -15.28 8.19 -10.46
CA PHE B 101 -14.55 6.93 -10.68
C PHE B 101 -15.50 5.74 -10.60
N GLY B 102 -15.23 4.74 -11.44
CA GLY B 102 -15.82 3.44 -11.25
C GLY B 102 -15.27 2.74 -10.03
N GLY B 103 -15.90 1.64 -9.65
CA GLY B 103 -15.57 0.97 -8.41
C GLY B 103 -14.31 0.14 -8.43
N GLY B 104 -13.65 0.00 -9.58
CA GLY B 104 -12.42 -0.78 -9.65
C GLY B 104 -12.67 -2.23 -10.04
N THR B 105 -11.71 -2.79 -10.76
CA THR B 105 -11.71 -4.18 -11.20
C THR B 105 -10.33 -4.78 -10.95
N LYS B 106 -10.28 -5.93 -10.28
CA LYS B 106 -9.01 -6.64 -10.11
C LYS B 106 -8.83 -7.65 -11.24
N VAL B 107 -7.69 -7.58 -11.91
CA VAL B 107 -7.36 -8.50 -13.00
C VAL B 107 -6.52 -9.65 -12.45
N THR B 108 -6.93 -10.87 -12.76
CA THR B 108 -6.17 -12.08 -12.46
C THR B 108 -5.68 -12.70 -13.76
N VAL B 109 -4.42 -13.12 -13.78
CA VAL B 109 -3.85 -13.89 -14.87
C VAL B 109 -3.89 -15.35 -14.45
N LEU B 110 -4.69 -16.14 -15.17
CA LEU B 110 -4.89 -17.55 -14.83
C LEU B 110 -3.65 -18.36 -15.16
N GLY B 111 -3.62 -19.58 -14.63
CA GLY B 111 -2.62 -20.56 -15.00
C GLY B 111 -1.32 -20.50 -14.23
N GLN B 112 -1.20 -19.62 -13.24
CA GLN B 112 0.05 -19.53 -12.51
C GLN B 112 0.23 -20.77 -11.65
N PRO B 113 1.44 -21.33 -11.58
CA PRO B 113 1.62 -22.61 -10.90
C PRO B 113 1.70 -22.43 -9.39
N LYS B 114 1.51 -23.55 -8.70
CA LYS B 114 1.70 -23.56 -7.26
C LYS B 114 3.14 -23.17 -6.93
N ALA B 115 3.30 -22.38 -5.89
CA ALA B 115 4.61 -22.01 -5.36
C ALA B 115 4.57 -22.21 -3.86
N ASN B 116 5.49 -23.01 -3.34
CA ASN B 116 5.55 -23.30 -1.91
C ASN B 116 6.07 -22.08 -1.16
N PRO B 117 5.60 -21.87 0.08
CA PRO B 117 6.06 -20.73 0.86
C PRO B 117 7.50 -20.89 1.33
N THR B 118 8.23 -19.77 1.30
CA THR B 118 9.47 -19.62 2.04
C THR B 118 9.10 -19.12 3.43
N VAL B 119 9.66 -19.74 4.45
CA VAL B 119 9.35 -19.40 5.84
C VAL B 119 10.65 -19.03 6.53
N THR B 120 10.70 -17.82 7.09
CA THR B 120 11.82 -17.33 7.86
C THR B 120 11.35 -17.04 9.27
N LEU B 121 11.97 -17.69 10.25
CA LEU B 121 11.56 -17.55 11.64
C LEU B 121 12.70 -16.93 12.44
N PHE B 122 12.42 -15.78 13.08
CA PHE B 122 13.41 -15.14 13.93
C PHE B 122 13.06 -15.30 15.40
N PRO B 123 14.04 -15.59 16.25
CA PRO B 123 13.81 -15.60 17.69
C PRO B 123 13.83 -14.19 18.24
N PRO B 124 13.54 -14.02 19.53
CA PRO B 124 13.60 -12.68 20.11
C PRO B 124 15.01 -12.12 20.07
N SER B 125 15.11 -10.82 19.85
CA SER B 125 16.40 -10.13 19.89
C SER B 125 16.85 -9.96 21.35
N SER B 126 18.15 -9.82 21.52
CA SER B 126 18.69 -9.53 22.84
C SER B 126 18.10 -8.25 23.41
N GLU B 127 17.95 -7.22 22.56
CA GLU B 127 17.42 -5.95 23.04
C GLU B 127 15.98 -6.09 23.50
N GLU B 128 15.16 -6.86 22.78
CA GLU B 128 13.79 -7.02 23.24
C GLU B 128 13.72 -7.76 24.55
N LEU B 129 14.50 -8.83 24.69
CA LEU B 129 14.55 -9.54 25.97
C LEU B 129 14.97 -8.63 27.10
N GLN B 130 15.92 -7.71 26.84
CA GLN B 130 16.31 -6.77 27.87
C GLN B 130 15.14 -5.86 28.28
N ALA B 131 14.22 -5.59 27.36
CA ALA B 131 13.02 -4.83 27.66
C ALA B 131 11.92 -5.68 28.31
N ASN B 132 12.22 -6.92 28.69
CA ASN B 132 11.28 -7.80 29.36
C ASN B 132 10.12 -8.21 28.46
N LYS B 133 10.39 -8.35 27.16
CA LYS B 133 9.42 -8.83 26.19
C LYS B 133 10.12 -9.83 25.28
N ALA B 134 9.31 -10.56 24.50
CA ALA B 134 9.84 -11.57 23.58
C ALA B 134 8.83 -11.76 22.46
N THR B 135 9.27 -11.58 21.22
CA THR B 135 8.42 -11.80 20.05
C THR B 135 9.13 -12.74 19.09
N LEU B 136 8.46 -13.82 18.72
CA LEU B 136 8.90 -14.66 17.61
C LEU B 136 8.24 -14.16 16.33
N VAL B 137 9.03 -14.07 15.27
CA VAL B 137 8.59 -13.44 14.03
C VAL B 137 8.68 -14.47 12.91
N CYS B 138 7.54 -14.83 12.34
CA CYS B 138 7.45 -15.84 11.29
C CYS B 138 7.00 -15.14 10.01
N LEU B 139 7.92 -15.04 9.05
CA LEU B 139 7.68 -14.32 7.81
C LEU B 139 7.54 -15.33 6.68
N ILE B 140 6.46 -15.21 5.93
CA ILE B 140 6.02 -16.22 4.98
C ILE B 140 5.90 -15.53 3.62
N SER B 141 6.62 -16.02 2.62
CA SER B 141 6.71 -15.28 1.37
C SER B 141 6.74 -16.22 0.16
N ASP B 142 6.45 -15.64 -1.00
CA ASP B 142 6.60 -16.30 -2.29
C ASP B 142 5.70 -17.51 -2.45
N PHE B 143 4.50 -17.49 -1.85
CA PHE B 143 3.57 -18.59 -2.04
C PHE B 143 2.46 -18.24 -3.02
N TYR B 144 1.95 -19.27 -3.70
CA TYR B 144 0.87 -19.13 -4.66
C TYR B 144 0.14 -20.46 -4.76
N PRO B 145 -1.21 -20.46 -4.72
CA PRO B 145 -2.11 -19.32 -4.54
C PRO B 145 -1.99 -18.69 -3.15
N GLY B 146 -2.72 -17.59 -2.96
CA GLY B 146 -2.51 -16.74 -1.81
C GLY B 146 -3.33 -17.07 -0.59
N ALA B 147 -3.16 -18.26 -0.03
CA ALA B 147 -3.80 -18.61 1.24
C ALA B 147 -2.90 -19.57 2.01
N VAL B 148 -2.67 -19.27 3.29
CA VAL B 148 -1.95 -20.16 4.20
C VAL B 148 -2.69 -20.17 5.54
N THR B 149 -2.41 -21.19 6.34
CA THR B 149 -2.75 -21.18 7.76
C THR B 149 -1.47 -21.39 8.57
N VAL B 150 -1.45 -20.85 9.79
CA VAL B 150 -0.26 -20.83 10.62
C VAL B 150 -0.59 -21.45 11.97
N ALA B 151 0.27 -22.34 12.44
CA ALA B 151 0.15 -22.95 13.74
C ALA B 151 1.49 -22.86 14.45
N TRP B 152 1.46 -22.46 15.71
CA TRP B 152 2.66 -22.32 16.52
C TRP B 152 2.73 -23.45 17.54
N LYS B 153 3.96 -23.83 17.88
CA LYS B 153 4.19 -24.88 18.87
C LYS B 153 5.24 -24.44 19.86
N ALA B 154 5.03 -24.77 21.13
CA ALA B 154 6.05 -24.69 22.16
C ALA B 154 6.52 -26.11 22.41
N ASP B 155 7.80 -26.35 22.16
CA ASP B 155 8.27 -27.73 22.04
C ASP B 155 7.38 -28.44 21.02
N SER B 156 6.62 -29.44 21.44
CA SER B 156 5.72 -30.15 20.54
C SER B 156 4.26 -29.79 20.76
N SER B 157 3.97 -28.89 21.67
CA SER B 157 2.59 -28.62 22.06
C SER B 157 2.07 -27.38 21.35
N PRO B 158 0.85 -27.40 20.82
CA PRO B 158 0.30 -26.20 20.20
C PRO B 158 0.22 -25.04 21.19
N VAL B 159 0.46 -23.85 20.69
CA VAL B 159 0.28 -22.63 21.46
C VAL B 159 -0.61 -21.70 20.66
N LYS B 160 -1.73 -21.29 21.25
CA LYS B 160 -2.69 -20.44 20.58
C LYS B 160 -2.77 -19.04 21.17
N ALA B 161 -2.37 -18.86 22.42
CA ALA B 161 -2.36 -17.53 23.03
C ALA B 161 -1.20 -16.71 22.48
N GLY B 162 -1.44 -15.40 22.37
CA GLY B 162 -0.39 -14.48 21.97
C GLY B 162 -0.03 -14.51 20.51
N VAL B 163 -0.93 -14.99 19.64
CA VAL B 163 -0.67 -15.13 18.21
C VAL B 163 -1.38 -14.03 17.46
N GLU B 164 -0.68 -13.38 16.53
CA GLU B 164 -1.28 -12.40 15.64
C GLU B 164 -0.76 -12.66 14.23
N THR B 165 -1.67 -12.93 13.30
CA THR B 165 -1.31 -13.33 11.95
C THR B 165 -2.02 -12.44 10.93
N THR B 166 -1.28 -11.98 9.93
CA THR B 166 -1.86 -11.10 8.92
C THR B 166 -2.66 -11.89 7.89
N THR B 167 -3.48 -11.14 7.13
CA THR B 167 -4.02 -11.63 5.88
C THR B 167 -2.87 -11.84 4.88
N PRO B 168 -3.10 -12.62 3.83
CA PRO B 168 -2.10 -12.68 2.75
C PRO B 168 -2.14 -11.41 1.92
N SER B 169 -0.97 -11.00 1.44
CA SER B 169 -0.82 -9.80 0.64
CA SER B 169 -0.85 -9.80 0.63
C SER B 169 -0.11 -10.13 -0.67
N LYS B 170 -0.53 -9.46 -1.74
CA LYS B 170 0.05 -9.67 -3.06
C LYS B 170 1.40 -8.97 -3.17
N GLN B 171 2.43 -9.75 -3.48
CA GLN B 171 3.78 -9.25 -3.71
C GLN B 171 3.91 -8.71 -5.14
N SER B 172 4.97 -7.93 -5.36
CA SER B 172 5.19 -7.35 -6.68
C SER B 172 5.46 -8.42 -7.73
N ASN B 173 5.95 -9.58 -7.33
CA ASN B 173 6.17 -10.68 -8.27
C ASN B 173 4.97 -11.58 -8.45
N ASN B 174 3.79 -11.16 -7.96
CA ASN B 174 2.50 -11.78 -8.11
C ASN B 174 2.28 -12.95 -7.16
N LYS B 175 3.29 -13.35 -6.40
CA LYS B 175 3.10 -14.32 -5.32
C LYS B 175 2.61 -13.57 -4.09
N TYR B 176 2.51 -14.26 -2.95
CA TYR B 176 1.88 -13.70 -1.77
C TYR B 176 2.76 -13.85 -0.54
N ALA B 177 2.47 -13.00 0.45
CA ALA B 177 3.22 -12.95 1.69
C ALA B 177 2.25 -12.82 2.86
N ALA B 178 2.72 -13.27 4.03
CA ALA B 178 1.99 -13.10 5.28
C ALA B 178 3.00 -13.14 6.40
N SER B 179 2.59 -12.66 7.58
CA SER B 179 3.45 -12.77 8.74
CA SER B 179 3.44 -12.68 8.77
C SER B 179 2.63 -13.17 9.96
N SER B 180 3.30 -13.85 10.87
CA SER B 180 2.69 -14.25 12.12
C SER B 180 3.67 -13.97 13.26
N TYR B 181 3.13 -13.48 14.37
CA TYR B 181 3.91 -13.05 15.51
C TYR B 181 3.41 -13.79 16.74
N LEU B 182 4.35 -14.34 17.51
CA LEU B 182 4.02 -14.99 18.77
C LEU B 182 4.65 -14.20 19.91
N SER B 183 3.82 -13.73 20.83
CA SER B 183 4.28 -12.98 22.00
C SER B 183 4.46 -13.91 23.19
N LEU B 184 5.63 -13.82 23.82
CA LEU B 184 5.97 -14.64 24.97
C LEU B 184 6.59 -13.75 26.03
N THR B 185 6.59 -14.22 27.27
CA THR B 185 7.43 -13.59 28.24
C THR B 185 8.85 -14.15 28.10
N PRO B 186 9.86 -13.42 28.57
CA PRO B 186 11.20 -14.01 28.58
C PRO B 186 11.25 -15.36 29.27
N GLU B 187 10.52 -15.50 30.40
CA GLU B 187 10.48 -16.76 31.12
C GLU B 187 9.99 -17.89 30.22
N GLN B 188 8.91 -17.66 29.49
CA GLN B 188 8.36 -18.68 28.60
C GLN B 188 9.36 -19.06 27.51
N TRP B 189 9.96 -18.05 26.88
CA TRP B 189 10.93 -18.32 25.84
C TRP B 189 12.07 -19.20 26.36
N LYS B 190 12.57 -18.91 27.56
CA LYS B 190 13.68 -19.66 28.12
C LYS B 190 13.25 -21.01 28.69
N SER B 191 11.98 -21.18 29.05
CA SER B 191 11.54 -22.39 29.74
C SER B 191 11.26 -23.56 28.80
N HIS B 192 11.38 -23.37 27.49
CA HIS B 192 11.15 -24.43 26.52
C HIS B 192 12.41 -24.71 25.72
N ARG B 193 12.48 -25.92 25.15
CA ARG B 193 13.63 -26.28 24.34
C ARG B 193 13.59 -25.59 22.97
N SER B 194 12.40 -25.35 22.43
CA SER B 194 12.28 -24.70 21.14
C SER B 194 10.83 -24.28 20.93
N TYR B 195 10.65 -23.43 19.92
CA TYR B 195 9.34 -23.04 19.42
C TYR B 195 9.35 -23.22 17.90
N SER B 196 8.17 -23.48 17.33
CA SER B 196 8.05 -23.72 15.91
C SER B 196 6.91 -22.92 15.31
N CYS B 197 7.10 -22.48 14.07
CA CYS B 197 6.06 -21.88 13.25
C CYS B 197 5.82 -22.82 12.09
N GLN B 198 4.60 -23.37 12.01
CA GLN B 198 4.22 -24.34 11.00
C GLN B 198 3.23 -23.68 10.05
N VAL B 199 3.60 -23.61 8.78
CA VAL B 199 2.79 -22.99 7.75
C VAL B 199 2.19 -24.08 6.88
N THR B 200 0.88 -24.06 6.70
CA THR B 200 0.19 -24.99 5.81
C THR B 200 -0.25 -24.25 4.57
N HIS B 201 0.11 -24.78 3.41
CA HIS B 201 -0.21 -24.19 2.12
C HIS B 201 -0.60 -25.30 1.17
N GLU B 202 -1.83 -25.25 0.68
CA GLU B 202 -2.28 -26.22 -0.33
C GLU B 202 -2.00 -27.65 0.11
N GLY B 203 -2.30 -27.95 1.37
CA GLY B 203 -2.22 -29.30 1.88
C GLY B 203 -0.84 -29.79 2.27
N SER B 204 0.19 -28.96 2.19
CA SER B 204 1.54 -29.35 2.57
C SER B 204 2.05 -28.34 3.59
N THR B 205 2.94 -28.77 4.48
CA THR B 205 3.49 -27.86 5.48
C THR B 205 4.95 -27.56 5.25
N VAL B 206 5.34 -26.36 5.67
CA VAL B 206 6.73 -25.99 5.91
C VAL B 206 6.79 -25.47 7.34
N GLU B 207 7.68 -26.05 8.15
CA GLU B 207 7.77 -25.72 9.56
C GLU B 207 9.20 -25.38 9.93
N LYS B 208 9.39 -24.25 10.60
CA LYS B 208 10.68 -23.79 11.06
C LYS B 208 10.71 -23.77 12.58
N THR B 209 11.90 -24.03 13.13
CA THR B 209 12.09 -24.12 14.57
C THR B 209 13.25 -23.21 14.98
N VAL B 210 13.08 -22.53 16.10
CA VAL B 210 14.14 -21.74 16.71
C VAL B 210 14.23 -22.11 18.18
N ALA B 211 15.34 -21.74 18.81
CA ALA B 211 15.58 -22.16 20.19
C ALA B 211 16.37 -21.07 20.91
N PRO B 212 16.24 -20.97 22.23
CA PRO B 212 17.11 -20.07 22.99
C PRO B 212 18.53 -20.61 23.02
N THR B 213 18.65 -21.87 23.42
CA THR B 213 19.93 -22.55 23.50
C THR B 213 20.58 -22.62 22.12
#